data_5ZRX
#
_entry.id   5ZRX
#
_cell.length_a   138.283
_cell.length_b   43.344
_cell.length_c   46.377
_cell.angle_alpha   90.000
_cell.angle_beta   95.350
_cell.angle_gamma   90.000
#
_symmetry.space_group_name_H-M   'C 1 2 1'
#
loop_
_entity.id
_entity.type
_entity.pdbx_description
1 polymer 'Phosphatidylinositol 3,4,5-trisphosphate 5-phosphatase 2,Ephrin type-A receptor 2'
2 water water
#
_entity_poly.entity_id   1
_entity_poly.type   'polypeptide(L)'
_entity_poly.pdbx_seq_one_letter_code
;GPGSEFMGAWLRAIGLERYEEGLVHNGWDDLEFLSDITEEDLEEAGVQDPAHKRLLLDTLQLSKSSGENLYFQSSGSSGG
SSGSEGVPFRTVSEWLESIKMQQYTEHFMVAGYTAIEKVVQMSNEDIKRIGVRLPGHQKRIAYSLLGLKDQVNTVGIPI
;
_entity_poly.pdbx_strand_id   A,B
#
# COMPACT_ATOMS: atom_id res chain seq x y z
N GLY A 3 18.66 -5.65 -2.35
CA GLY A 3 19.92 -4.87 -2.13
C GLY A 3 20.22 -4.04 -3.36
N SER A 4 21.28 -3.24 -3.31
CA SER A 4 21.58 -2.30 -4.41
C SER A 4 21.93 -3.03 -5.72
N GLU A 5 22.79 -4.05 -5.61
CA GLU A 5 23.10 -4.92 -6.76
C GLU A 5 21.95 -5.88 -7.08
N PHE A 6 21.35 -6.46 -6.04
CA PHE A 6 20.20 -7.38 -6.20
C PHE A 6 18.99 -6.71 -6.83
N MET A 7 18.77 -5.45 -6.49
CA MET A 7 17.68 -4.67 -7.09
C MET A 7 17.93 -4.42 -8.57
N GLY A 8 19.19 -4.14 -8.93
CA GLY A 8 19.58 -3.97 -10.34
C GLY A 8 19.23 -5.18 -11.18
N ALA A 9 19.51 -6.38 -10.66
CA ALA A 9 19.19 -7.64 -11.33
C ALA A 9 17.69 -7.86 -11.39
N TRP A 10 16.98 -7.53 -10.31
CA TRP A 10 15.53 -7.66 -10.24
C TRP A 10 14.87 -6.76 -11.31
N LEU A 11 15.35 -5.53 -11.43
CA LEU A 11 14.84 -4.59 -12.44
C LEU A 11 15.14 -5.05 -13.87
N ARG A 12 16.35 -5.55 -14.10
CA ARG A 12 16.77 -6.06 -15.40
C ARG A 12 15.90 -7.23 -15.85
N ALA A 13 15.49 -8.06 -14.89
CA ALA A 13 14.68 -9.24 -15.19
C ALA A 13 13.27 -8.91 -15.72
N ILE A 14 12.78 -7.70 -15.41
CA ILE A 14 11.50 -7.22 -15.91
C ILE A 14 11.60 -6.02 -16.88
N GLY A 15 12.80 -5.76 -17.39
CA GLY A 15 13.00 -4.73 -18.41
C GLY A 15 12.97 -3.29 -17.91
N LEU A 16 13.23 -3.09 -16.61
CA LEU A 16 13.13 -1.77 -15.99
C LEU A 16 14.46 -1.27 -15.47
N GLU A 17 15.56 -1.82 -15.99
CA GLU A 17 16.93 -1.42 -15.62
C GLU A 17 17.16 0.09 -15.76
N ARG A 18 16.49 0.72 -16.73
CA ARG A 18 16.60 2.17 -16.95
C ARG A 18 16.29 3.01 -15.71
N TYR A 19 15.46 2.49 -14.83
CA TYR A 19 15.02 3.22 -13.65
C TYR A 19 15.89 3.00 -12.39
N GLU A 20 16.91 2.15 -12.49
CA GLU A 20 17.74 1.81 -11.32
C GLU A 20 18.36 3.04 -10.67
N GLU A 21 19.01 3.86 -11.49
CA GLU A 21 19.75 5.01 -10.96
C GLU A 21 18.82 5.95 -10.20
N GLY A 22 17.68 6.27 -10.79
CA GLY A 22 16.71 7.17 -10.16
C GLY A 22 16.13 6.63 -8.88
N LEU A 23 15.84 5.33 -8.86
CA LEU A 23 15.37 4.69 -7.62
C LEU A 23 16.43 4.75 -6.53
N VAL A 24 17.64 4.30 -6.86
CA VAL A 24 18.74 4.28 -5.89
C VAL A 24 19.03 5.69 -5.39
N HIS A 25 19.04 6.67 -6.30
CA HIS A 25 19.35 8.05 -5.92
C HIS A 25 18.29 8.67 -5.00
N ASN A 26 17.07 8.12 -5.01
CA ASN A 26 16.01 8.51 -4.10
C ASN A 26 15.83 7.63 -2.86
N GLY A 27 16.81 6.75 -2.61
CA GLY A 27 16.82 5.90 -1.43
C GLY A 27 16.06 4.60 -1.53
N TRP A 28 15.56 4.28 -2.73
CA TRP A 28 14.89 3.01 -2.97
C TRP A 28 15.99 2.07 -3.49
N ASP A 29 16.78 1.59 -2.54
CA ASP A 29 18.09 1.00 -2.83
C ASP A 29 18.24 -0.41 -2.28
N ASP A 30 17.13 -0.99 -1.82
CA ASP A 30 17.15 -2.31 -1.20
C ASP A 30 15.83 -2.99 -1.50
N LEU A 31 15.90 -4.05 -2.31
CA LEU A 31 14.74 -4.88 -2.65
C LEU A 31 13.82 -5.26 -1.47
N GLU A 32 14.42 -5.60 -0.33
CA GLU A 32 13.67 -5.98 0.89
C GLU A 32 12.68 -4.90 1.33
N PHE A 33 13.02 -3.64 1.10
CA PHE A 33 12.20 -2.53 1.56
C PHE A 33 11.41 -1.86 0.43
N LEU A 34 11.57 -2.35 -0.80
CA LEU A 34 10.91 -1.75 -1.95
C LEU A 34 9.41 -2.02 -1.95
N SER A 35 8.97 -3.08 -1.25
CA SER A 35 7.56 -3.48 -1.23
C SER A 35 6.57 -2.41 -0.77
N ASP A 36 7.02 -1.45 0.05
CA ASP A 36 6.14 -0.37 0.51
C ASP A 36 6.09 0.84 -0.43
N ILE A 37 6.82 0.80 -1.54
CA ILE A 37 6.81 1.91 -2.51
C ILE A 37 5.42 2.07 -3.12
N THR A 38 5.05 3.31 -3.39
CA THR A 38 3.75 3.62 -4.02
C THR A 38 3.94 4.20 -5.42
N GLU A 39 2.84 4.32 -6.15
CA GLU A 39 2.84 4.97 -7.47
C GLU A 39 3.45 6.39 -7.38
N GLU A 40 3.05 7.14 -6.36
CA GLU A 40 3.55 8.51 -6.17
C GLU A 40 5.07 8.52 -5.96
N ASP A 41 5.57 7.58 -5.16
CA ASP A 41 7.00 7.47 -4.93
C ASP A 41 7.74 7.17 -6.23
N LEU A 42 7.16 6.27 -7.04
CA LEU A 42 7.77 5.92 -8.32
C LEU A 42 7.88 7.15 -9.26
N GLU A 43 6.81 7.91 -9.36
CA GLU A 43 6.80 9.13 -10.17
C GLU A 43 7.92 10.07 -9.73
N GLU A 44 8.03 10.27 -8.41
CA GLU A 44 9.04 11.15 -7.84
C GLU A 44 10.45 10.65 -8.12
N ALA A 45 10.61 9.34 -8.23
CA ALA A 45 11.91 8.73 -8.52
C ALA A 45 12.22 8.58 -10.01
N GLY A 46 11.34 9.13 -10.86
CA GLY A 46 11.57 9.15 -12.30
C GLY A 46 10.85 8.11 -13.13
N VAL A 47 9.99 7.30 -12.50
CA VAL A 47 9.23 6.27 -13.26
C VAL A 47 7.91 6.90 -13.64
N GLN A 48 7.87 7.52 -14.83
CA GLN A 48 6.71 8.28 -15.31
C GLN A 48 5.72 7.39 -16.08
N ASP A 49 6.23 6.51 -16.94
CA ASP A 49 5.42 5.63 -17.82
C ASP A 49 4.46 4.78 -16.97
N PRO A 50 3.14 4.96 -17.15
CA PRO A 50 2.16 4.20 -16.33
C PRO A 50 2.27 2.67 -16.41
N ALA A 51 2.61 2.16 -17.58
CA ALA A 51 2.78 0.71 -17.72
C ALA A 51 4.03 0.22 -16.99
N HIS A 52 5.09 1.03 -17.01
CA HIS A 52 6.29 0.65 -16.26
C HIS A 52 6.04 0.65 -14.77
N LYS A 53 5.30 1.64 -14.27
CA LYS A 53 4.95 1.68 -12.84
C LYS A 53 4.11 0.44 -12.48
N ARG A 54 3.13 0.14 -13.33
CA ARG A 54 2.24 -0.99 -13.09
C ARG A 54 3.00 -2.31 -13.00
N LEU A 55 3.92 -2.54 -13.95
CA LEU A 55 4.72 -3.76 -13.96
C LEU A 55 5.57 -3.89 -12.70
N LEU A 56 6.21 -2.79 -12.32
CA LEU A 56 7.05 -2.79 -11.12
C LEU A 56 6.21 -3.16 -9.90
N LEU A 57 5.06 -2.51 -9.76
CA LEU A 57 4.20 -2.72 -8.60
C LEU A 57 3.55 -4.10 -8.60
N ASP A 58 3.11 -4.56 -9.76
CA ASP A 58 2.58 -5.92 -9.85
C ASP A 58 3.63 -6.96 -9.49
N THR A 59 4.86 -6.75 -9.93
CA THR A 59 5.93 -7.71 -9.66
C THR A 59 6.25 -7.77 -8.16
N LEU A 60 6.29 -6.61 -7.51
CA LEU A 60 6.50 -6.57 -6.06
C LEU A 60 5.46 -7.34 -5.27
N GLN A 61 4.20 -7.29 -5.71
CA GLN A 61 3.12 -8.11 -5.11
C GLN A 61 3.50 -9.58 -4.94
N LEU A 62 4.22 -10.14 -5.92
CA LEU A 62 4.51 -11.58 -5.98
C LEU A 62 5.33 -12.08 -4.79
N SER A 63 6.44 -11.41 -4.50
CA SER A 63 7.32 -11.78 -3.39
C SER A 63 8.27 -10.64 -3.06
N PRO A 88 11.74 -6.72 20.51
CA PRO A 88 12.07 -5.37 21.01
C PRO A 88 13.56 -5.05 20.92
N PHE A 89 13.89 -3.90 20.34
CA PHE A 89 15.26 -3.42 20.26
C PHE A 89 15.59 -2.67 21.54
N ARG A 90 16.79 -2.92 22.06
CA ARG A 90 17.23 -2.22 23.25
C ARG A 90 17.69 -0.79 22.94
N THR A 91 18.35 -0.59 21.80
CA THR A 91 18.95 0.68 21.46
C THR A 91 18.59 1.16 20.06
N VAL A 92 18.80 2.45 19.84
CA VAL A 92 18.52 3.08 18.54
C VAL A 92 19.42 2.50 17.47
N SER A 93 20.71 2.31 17.77
CA SER A 93 21.64 1.76 16.80
C SER A 93 21.20 0.35 16.35
N GLU A 94 20.74 -0.47 17.29
CA GLU A 94 20.30 -1.84 16.95
CA GLU A 94 20.31 -1.83 16.94
C GLU A 94 19.10 -1.78 16.02
N TRP A 95 18.16 -0.89 16.34
CA TRP A 95 16.95 -0.70 15.52
C TRP A 95 17.33 -0.24 14.11
N LEU A 96 18.19 0.77 13.99
CA LEU A 96 18.59 1.26 12.68
C LEU A 96 19.32 0.19 11.86
N GLU A 97 20.17 -0.60 12.51
CA GLU A 97 20.85 -1.71 11.84
C GLU A 97 19.86 -2.71 11.23
N SER A 98 18.73 -2.92 11.90
CA SER A 98 17.74 -3.92 11.43
C SER A 98 17.07 -3.53 10.11
N ILE A 99 17.07 -2.23 9.80
CA ILE A 99 16.55 -1.69 8.54
C ILE A 99 17.64 -1.10 7.63
N LYS A 100 18.88 -1.46 7.92
CA LYS A 100 20.05 -1.03 7.15
C LYS A 100 20.17 0.48 7.02
N MET A 101 19.78 1.18 8.11
CA MET A 101 19.82 2.65 8.16
C MET A 101 20.85 3.14 9.18
N GLN A 102 21.84 2.31 9.51
CA GLN A 102 22.86 2.69 10.49
C GLN A 102 23.71 3.89 10.06
N GLN A 103 23.74 4.24 8.77
CA GLN A 103 24.39 5.48 8.31
C GLN A 103 23.87 6.73 9.03
N TYR A 104 22.64 6.66 9.54
CA TYR A 104 22.00 7.76 10.24
C TYR A 104 22.10 7.72 11.76
N THR A 105 22.85 6.79 12.33
CA THR A 105 22.85 6.66 13.80
C THR A 105 23.25 7.97 14.46
N GLU A 106 24.33 8.58 13.99
CA GLU A 106 24.81 9.82 14.63
C GLU A 106 23.80 10.96 14.46
N HIS A 107 23.11 11.00 13.31
CA HIS A 107 22.06 12.00 13.05
C HIS A 107 20.97 11.93 14.13
N PHE A 108 20.53 10.71 14.43
CA PHE A 108 19.53 10.50 15.47
C PHE A 108 20.08 10.92 16.84
N MET A 109 21.31 10.49 17.14
CA MET A 109 21.85 10.66 18.49
C MET A 109 22.08 12.13 18.79
N VAL A 110 22.64 12.88 17.85
CA VAL A 110 22.94 14.30 18.12
C VAL A 110 21.67 15.15 18.21
N ALA A 111 20.58 14.69 17.59
CA ALA A 111 19.30 15.40 17.61
C ALA A 111 18.46 15.01 18.84
N GLY A 112 19.00 14.16 19.72
CA GLY A 112 18.33 13.79 20.95
C GLY A 112 17.43 12.58 20.86
N TYR A 113 17.42 11.91 19.71
CA TYR A 113 16.57 10.74 19.51
C TYR A 113 17.42 9.51 19.85
N THR A 114 17.62 9.34 21.14
CA THR A 114 18.68 8.54 21.70
C THR A 114 18.22 7.28 22.41
N ALA A 115 16.92 7.05 22.46
CA ALA A 115 16.34 5.87 23.09
C ALA A 115 15.12 5.48 22.28
N ILE A 116 14.70 4.23 22.42
CA ILE A 116 13.57 3.74 21.64
C ILE A 116 12.30 4.54 21.99
N GLU A 117 12.14 4.90 23.27
CA GLU A 117 10.97 5.69 23.70
CA GLU A 117 10.97 5.68 23.69
C GLU A 117 10.94 7.08 23.07
N LYS A 118 12.09 7.56 22.61
CA LYS A 118 12.15 8.85 21.93
C LYS A 118 11.88 8.74 20.43
N VAL A 119 12.45 7.72 19.80
CA VAL A 119 12.28 7.57 18.34
C VAL A 119 10.85 7.28 17.96
N VAL A 120 10.12 6.56 18.82
CA VAL A 120 8.72 6.22 18.50
C VAL A 120 7.80 7.44 18.46
N GLN A 121 8.24 8.58 19.03
CA GLN A 121 7.48 9.82 18.98
C GLN A 121 7.77 10.69 17.76
N MET A 122 8.71 10.29 16.91
CA MET A 122 9.11 11.10 15.75
C MET A 122 8.04 11.14 14.66
N SER A 123 7.89 12.31 14.07
CA SER A 123 7.06 12.53 12.89
C SER A 123 7.90 12.43 11.63
N ASN A 124 7.24 12.42 10.47
CA ASN A 124 7.97 12.53 9.21
C ASN A 124 8.80 13.82 9.15
N GLU A 125 8.25 14.92 9.69
CA GLU A 125 8.97 16.21 9.69
C GLU A 125 10.27 16.07 10.53
N ASP A 126 10.19 15.37 11.66
CA ASP A 126 11.39 15.16 12.49
C ASP A 126 12.45 14.35 11.76
N ILE A 127 12.03 13.28 11.09
CA ILE A 127 12.96 12.43 10.36
C ILE A 127 13.71 13.25 9.30
N LYS A 128 12.99 14.10 8.57
CA LYS A 128 13.62 14.96 7.57
C LYS A 128 14.54 15.99 8.23
N ARG A 129 14.05 16.61 9.29
CA ARG A 129 14.81 17.68 9.96
C ARG A 129 16.18 17.24 10.43
N ILE A 130 16.26 16.01 10.95
CA ILE A 130 17.53 15.51 11.49
C ILE A 130 18.52 15.09 10.40
N GLY A 131 18.08 15.10 9.13
CA GLY A 131 19.00 14.88 8.03
C GLY A 131 18.76 13.67 7.19
N VAL A 132 17.63 12.99 7.37
CA VAL A 132 17.27 11.91 6.43
C VAL A 132 16.56 12.59 5.26
N ARG A 133 17.27 12.70 4.13
CA ARG A 133 16.81 13.47 2.97
C ARG A 133 16.20 12.60 1.85
N LEU A 134 16.66 11.37 1.70
CA LEU A 134 16.21 10.51 0.59
C LEU A 134 14.83 9.94 0.90
N PRO A 135 13.84 10.11 -0.01
CA PRO A 135 12.48 9.65 0.32
C PRO A 135 12.37 8.15 0.68
N GLY A 136 13.10 7.28 -0.01
CA GLY A 136 13.04 5.87 0.31
C GLY A 136 13.56 5.53 1.71
N HIS A 137 14.49 6.35 2.21
CA HIS A 137 14.98 6.20 3.58
C HIS A 137 14.00 6.80 4.60
N GLN A 138 13.44 7.97 4.25
CA GLN A 138 12.40 8.59 5.07
C GLN A 138 11.23 7.63 5.30
N LYS A 139 10.77 7.01 4.22
CA LYS A 139 9.65 6.07 4.25
C LYS A 139 10.01 4.78 5.01
N ARG A 140 11.20 4.23 4.75
CA ARG A 140 11.64 3.02 5.44
C ARG A 140 11.59 3.23 6.95
N ILE A 141 12.16 4.35 7.38
CA ILE A 141 12.18 4.67 8.79
C ILE A 141 10.76 4.85 9.37
N ALA A 142 9.91 5.62 8.69
CA ALA A 142 8.55 5.87 9.16
C ALA A 142 7.73 4.58 9.27
N TYR A 143 7.82 3.70 8.27
CA TYR A 143 7.12 2.41 8.36
C TYR A 143 7.63 1.58 9.54
N SER A 144 8.93 1.55 9.70
CA SER A 144 9.54 0.76 10.77
C SER A 144 9.12 1.27 12.14
N LEU A 145 9.08 2.60 12.31
CA LEU A 145 8.64 3.19 13.58
C LEU A 145 7.22 2.81 13.99
N LEU A 146 6.32 2.62 13.02
CA LEU A 146 4.97 2.18 13.34
C LEU A 146 4.99 0.85 14.07
N GLY A 147 5.79 -0.08 13.59
CA GLY A 147 5.92 -1.39 14.19
C GLY A 147 6.55 -1.36 15.55
N LEU A 148 7.54 -0.49 15.71
CA LEU A 148 8.21 -0.30 17.00
C LEU A 148 7.26 0.25 18.05
N LYS A 149 6.48 1.25 17.65
CA LYS A 149 5.57 1.95 18.55
C LYS A 149 4.53 0.97 19.06
N ASP A 150 3.99 0.18 18.13
CA ASP A 150 3.08 -0.94 18.44
C ASP A 150 3.71 -1.93 19.43
N GLN A 151 4.98 -2.28 19.23
CA GLN A 151 5.69 -3.20 20.12
C GLN A 151 5.89 -2.64 21.53
N VAL A 152 6.39 -1.40 21.64
CA VAL A 152 6.63 -0.79 22.97
C VAL A 152 5.30 -0.45 23.65
N GLY B 3 -6.19 -16.34 -7.25
CA GLY B 3 -7.65 -16.56 -6.95
C GLY B 3 -8.02 -16.23 -5.52
N SER B 4 -9.29 -16.42 -5.18
CA SER B 4 -9.78 -16.20 -3.81
C SER B 4 -10.55 -17.43 -3.32
N GLU B 5 -10.36 -17.74 -2.03
CA GLU B 5 -10.64 -19.07 -1.47
C GLU B 5 -11.94 -19.71 -1.96
N PHE B 6 -13.07 -19.08 -1.67
CA PHE B 6 -14.40 -19.59 -2.04
C PHE B 6 -15.00 -18.91 -3.29
N MET B 7 -14.45 -17.76 -3.68
CA MET B 7 -15.01 -16.98 -4.78
C MET B 7 -14.93 -17.74 -6.11
N GLY B 8 -13.87 -18.52 -6.28
CA GLY B 8 -13.72 -19.42 -7.42
C GLY B 8 -14.88 -20.39 -7.57
N ALA B 9 -15.29 -21.03 -6.46
CA ALA B 9 -16.43 -21.95 -6.46
C ALA B 9 -17.75 -21.29 -6.86
N TRP B 10 -17.96 -20.07 -6.36
CA TRP B 10 -19.16 -19.29 -6.69
C TRP B 10 -19.16 -18.90 -8.16
N LEU B 11 -18.01 -18.44 -8.67
CA LEU B 11 -17.89 -18.16 -10.11
C LEU B 11 -18.06 -19.39 -10.99
N ARG B 12 -17.44 -20.49 -10.60
CA ARG B 12 -17.50 -21.74 -11.38
C ARG B 12 -18.94 -22.20 -11.51
N ALA B 13 -19.73 -22.02 -10.45
CA ALA B 13 -21.12 -22.46 -10.44
C ALA B 13 -22.01 -21.70 -11.45
N ILE B 14 -21.61 -20.47 -11.81
CA ILE B 14 -22.31 -19.68 -12.85
C ILE B 14 -21.57 -19.63 -14.19
N GLY B 15 -20.53 -20.45 -14.33
CA GLY B 15 -19.80 -20.59 -15.60
C GLY B 15 -18.81 -19.48 -15.87
N LEU B 16 -18.38 -18.78 -14.81
CA LEU B 16 -17.54 -17.59 -14.94
C LEU B 16 -16.17 -17.72 -14.27
N GLU B 17 -15.76 -18.96 -14.00
CA GLU B 17 -14.45 -19.24 -13.34
C GLU B 17 -13.25 -18.59 -14.07
N ARG B 18 -13.34 -18.46 -15.41
CA ARG B 18 -12.26 -17.90 -16.22
C ARG B 18 -11.87 -16.48 -15.79
N TYR B 19 -12.82 -15.78 -15.16
CA TYR B 19 -12.58 -14.38 -14.79
C TYR B 19 -12.01 -14.20 -13.38
N GLU B 20 -11.84 -15.29 -12.63
CA GLU B 20 -11.45 -15.18 -11.22
C GLU B 20 -10.14 -14.43 -11.05
N GLU B 21 -9.10 -14.85 -11.77
CA GLU B 21 -7.76 -14.29 -11.55
C GLU B 21 -7.72 -12.81 -11.89
N GLY B 22 -8.40 -12.40 -12.98
CA GLY B 22 -8.42 -10.99 -13.36
C GLY B 22 -9.18 -10.12 -12.35
N LEU B 23 -10.27 -10.64 -11.80
CA LEU B 23 -11.01 -9.96 -10.75
C LEU B 23 -10.13 -9.79 -9.50
N VAL B 24 -9.52 -10.88 -9.05
CA VAL B 24 -8.69 -10.86 -7.84
C VAL B 24 -7.48 -9.92 -8.02
N HIS B 25 -6.84 -9.98 -9.18
CA HIS B 25 -5.71 -9.10 -9.53
C HIS B 25 -6.03 -7.61 -9.35
N ASN B 26 -7.28 -7.25 -9.62
CA ASN B 26 -7.75 -5.87 -9.53
C ASN B 26 -8.44 -5.52 -8.22
N GLY B 27 -8.32 -6.40 -7.22
CA GLY B 27 -8.82 -6.12 -5.89
C GLY B 27 -10.24 -6.54 -5.63
N TRP B 28 -10.88 -7.18 -6.61
CA TRP B 28 -12.26 -7.65 -6.46
C TRP B 28 -12.12 -9.07 -6.00
N ASP B 29 -11.73 -9.22 -4.75
CA ASP B 29 -11.20 -10.49 -4.26
C ASP B 29 -12.02 -11.12 -3.15
N ASP B 30 -13.22 -10.58 -2.95
CA ASP B 30 -14.10 -10.98 -1.87
C ASP B 30 -15.52 -10.74 -2.33
N LEU B 31 -16.35 -11.79 -2.31
CA LEU B 31 -17.73 -11.66 -2.74
C LEU B 31 -18.49 -10.56 -1.98
N GLU B 32 -18.18 -10.37 -0.69
CA GLU B 32 -18.95 -9.47 0.21
C GLU B 32 -19.01 -8.04 -0.27
N PHE B 33 -17.98 -7.63 -0.98
CA PHE B 33 -17.85 -6.29 -1.49
C PHE B 33 -17.80 -6.29 -3.03
N LEU B 34 -18.14 -7.43 -3.63
CA LEU B 34 -18.08 -7.58 -5.09
CA LEU B 34 -18.08 -7.56 -5.10
C LEU B 34 -19.32 -6.94 -5.68
N SER B 35 -20.42 -6.89 -4.91
CA SER B 35 -21.69 -6.34 -5.42
C SER B 35 -21.63 -4.85 -5.73
N ASP B 36 -20.57 -4.19 -5.27
CA ASP B 36 -20.30 -2.81 -5.62
C ASP B 36 -19.52 -2.64 -6.93
N ILE B 37 -19.22 -3.74 -7.64
CA ILE B 37 -18.52 -3.64 -8.92
C ILE B 37 -19.46 -3.04 -9.99
N THR B 38 -18.90 -2.22 -10.88
CA THR B 38 -19.65 -1.63 -12.00
C THR B 38 -19.31 -2.35 -13.29
N GLU B 39 -20.10 -2.10 -14.31
CA GLU B 39 -19.85 -2.62 -15.65
C GLU B 39 -18.44 -2.22 -16.17
N GLU B 40 -18.07 -0.96 -15.99
CA GLU B 40 -16.75 -0.47 -16.39
C GLU B 40 -15.62 -1.20 -15.62
N ASP B 41 -15.81 -1.40 -14.33
CA ASP B 41 -14.84 -2.17 -13.51
C ASP B 41 -14.65 -3.59 -14.06
N LEU B 42 -15.76 -4.23 -14.40
CA LEU B 42 -15.71 -5.57 -14.97
C LEU B 42 -14.91 -5.60 -16.27
N GLU B 43 -15.15 -4.62 -17.13
CA GLU B 43 -14.44 -4.54 -18.40
C GLU B 43 -12.93 -4.43 -18.17
N GLU B 44 -12.55 -3.54 -17.26
CA GLU B 44 -11.14 -3.33 -16.93
C GLU B 44 -10.49 -4.57 -16.33
N ALA B 45 -11.28 -5.40 -15.65
CA ALA B 45 -10.77 -6.65 -15.04
C ALA B 45 -10.74 -7.84 -16.02
N GLY B 46 -11.20 -7.59 -17.25
CA GLY B 46 -11.15 -8.57 -18.35
C GLY B 46 -12.44 -9.28 -18.63
N VAL B 47 -13.55 -8.83 -18.03
CA VAL B 47 -14.87 -9.41 -18.31
C VAL B 47 -15.49 -8.57 -19.40
N GLN B 48 -15.33 -9.02 -20.64
CA GLN B 48 -15.62 -8.21 -21.83
C GLN B 48 -16.94 -8.60 -22.49
N ASP B 49 -17.22 -9.90 -22.53
CA ASP B 49 -18.43 -10.40 -23.14
C ASP B 49 -19.68 -9.79 -22.48
N PRO B 50 -20.54 -9.09 -23.26
CA PRO B 50 -21.72 -8.46 -22.66
C PRO B 50 -22.63 -9.39 -21.83
N ALA B 51 -22.87 -10.61 -22.31
CA ALA B 51 -23.70 -11.54 -21.57
C ALA B 51 -23.04 -12.04 -20.28
N HIS B 52 -21.73 -12.30 -20.31
CA HIS B 52 -21.01 -12.64 -19.07
C HIS B 52 -21.10 -11.51 -18.03
N LYS B 53 -20.92 -10.27 -18.48
CA LYS B 53 -21.04 -9.11 -17.56
C LYS B 53 -22.42 -9.00 -16.96
N ARG B 54 -23.44 -9.13 -17.82
CA ARG B 54 -24.83 -9.08 -17.38
C ARG B 54 -25.11 -10.17 -16.35
N LEU B 55 -24.68 -11.41 -16.61
CA LEU B 55 -24.92 -12.51 -15.65
C LEU B 55 -24.24 -12.23 -14.32
N LEU B 56 -23.00 -11.76 -14.38
CA LEU B 56 -22.26 -11.47 -13.15
C LEU B 56 -22.96 -10.36 -12.36
N LEU B 57 -23.34 -9.27 -13.04
CA LEU B 57 -24.02 -8.14 -12.36
C LEU B 57 -25.39 -8.54 -11.81
N ASP B 58 -26.14 -9.32 -12.59
CA ASP B 58 -27.44 -9.82 -12.14
C ASP B 58 -27.31 -10.69 -10.90
N THR B 59 -26.32 -11.57 -10.90
CA THR B 59 -26.13 -12.51 -9.80
C THR B 59 -25.64 -11.78 -8.55
N LEU B 60 -24.76 -10.81 -8.75
CA LEU B 60 -24.31 -9.98 -7.63
C LEU B 60 -25.40 -9.16 -6.97
N GLN B 61 -26.42 -8.73 -7.71
CA GLN B 61 -27.57 -8.04 -7.10
C GLN B 61 -28.20 -8.88 -5.99
N LEU B 62 -28.09 -10.21 -6.08
CA LEU B 62 -28.56 -11.10 -5.02
C LEU B 62 -27.76 -10.99 -3.71
N SER B 63 -26.53 -10.48 -3.76
CA SER B 63 -25.68 -10.32 -2.56
C SER B 63 -25.58 -8.86 -2.08
N LYS B 64 -26.53 -8.02 -2.49
CA LYS B 64 -26.62 -6.62 -2.03
C LYS B 64 -27.56 -6.54 -0.83
N PHE B 89 -16.07 3.10 15.25
CA PHE B 89 -14.60 2.78 15.26
C PHE B 89 -13.80 3.90 15.92
N ARG B 90 -12.95 3.56 16.87
CA ARG B 90 -12.13 4.53 17.59
C ARG B 90 -10.80 4.81 16.89
N THR B 91 -10.34 3.87 16.05
CA THR B 91 -9.07 4.02 15.33
C THR B 91 -9.24 3.67 13.85
N VAL B 92 -8.32 4.19 13.05
CA VAL B 92 -8.24 3.91 11.62
C VAL B 92 -8.01 2.40 11.40
N SER B 93 -7.13 1.81 12.20
CA SER B 93 -6.86 0.36 12.15
C SER B 93 -8.13 -0.49 12.30
N GLU B 94 -8.95 -0.17 13.29
CA GLU B 94 -10.20 -0.90 13.56
C GLU B 94 -11.18 -0.79 12.38
N TRP B 95 -11.31 0.42 11.83
CA TRP B 95 -12.13 0.65 10.66
C TRP B 95 -11.63 -0.17 9.46
N LEU B 96 -10.33 -0.10 9.17
CA LEU B 96 -9.79 -0.87 8.03
C LEU B 96 -9.96 -2.39 8.21
N GLU B 97 -9.72 -2.88 9.43
CA GLU B 97 -10.02 -4.29 9.77
C GLU B 97 -11.46 -4.69 9.48
N SER B 98 -12.42 -3.78 9.68
CA SER B 98 -13.84 -4.13 9.49
C SER B 98 -14.22 -4.44 8.03
N ILE B 99 -13.46 -3.89 7.08
CA ILE B 99 -13.66 -4.12 5.64
C ILE B 99 -12.50 -4.91 5.02
N LYS B 100 -11.72 -5.58 5.87
CA LYS B 100 -10.64 -6.47 5.48
C LYS B 100 -9.54 -5.76 4.68
N MET B 101 -9.31 -4.48 5.02
CA MET B 101 -8.33 -3.63 4.34
C MET B 101 -7.16 -3.24 5.24
N GLN B 102 -6.91 -4.03 6.29
CA GLN B 102 -5.82 -3.76 7.23
C GLN B 102 -4.41 -3.76 6.60
N GLN B 103 -4.26 -4.36 5.42
CA GLN B 103 -3.00 -4.28 4.68
C GLN B 103 -2.58 -2.83 4.40
N TYR B 104 -3.52 -1.88 4.42
CA TYR B 104 -3.24 -0.46 4.15
C TYR B 104 -3.05 0.39 5.42
N THR B 105 -3.12 -0.20 6.61
CA THR B 105 -3.04 0.60 7.83
C THR B 105 -1.80 1.47 7.87
N GLU B 106 -0.64 0.89 7.59
CA GLU B 106 0.61 1.65 7.65
C GLU B 106 0.65 2.75 6.58
N HIS B 107 0.14 2.46 5.37
CA HIS B 107 0.05 3.49 4.34
C HIS B 107 -0.76 4.71 4.80
N PHE B 108 -1.90 4.47 5.46
CA PHE B 108 -2.71 5.55 6.01
C PHE B 108 -1.97 6.31 7.10
N MET B 109 -1.34 5.59 8.02
CA MET B 109 -0.64 6.23 9.14
CA MET B 109 -0.64 6.23 9.14
C MET B 109 0.54 7.09 8.68
N VAL B 110 1.40 6.55 7.80
CA VAL B 110 2.59 7.28 7.34
CA VAL B 110 2.59 7.30 7.35
C VAL B 110 2.20 8.53 6.55
N ALA B 111 1.04 8.48 5.90
CA ALA B 111 0.52 9.61 5.13
C ALA B 111 -0.25 10.64 5.97
N GLY B 112 -0.37 10.40 7.27
CA GLY B 112 -1.01 11.36 8.17
C GLY B 112 -2.50 11.17 8.38
N TYR B 113 -3.03 10.02 7.96
CA TYR B 113 -4.45 9.70 8.08
C TYR B 113 -4.60 8.78 9.29
N THR B 114 -4.41 9.38 10.46
CA THR B 114 -4.33 8.68 11.73
C THR B 114 -5.61 8.76 12.54
N ALA B 115 -6.54 9.62 12.14
CA ALA B 115 -7.77 9.87 12.87
C ALA B 115 -8.96 9.62 11.96
N ILE B 116 -10.00 9.00 12.53
CA ILE B 116 -11.28 8.80 11.81
C ILE B 116 -11.84 10.12 11.27
N GLU B 117 -11.76 11.19 12.06
CA GLU B 117 -12.28 12.50 11.65
C GLU B 117 -11.60 13.04 10.38
N LYS B 118 -10.36 12.62 10.14
CA LYS B 118 -9.64 13.03 8.93
C LYS B 118 -9.97 12.12 7.75
N VAL B 119 -10.00 10.80 7.97
CA VAL B 119 -10.30 9.86 6.85
C VAL B 119 -11.66 10.12 6.21
N VAL B 120 -12.67 10.45 7.04
CA VAL B 120 -14.03 10.67 6.49
C VAL B 120 -14.09 11.86 5.54
N GLN B 121 -13.13 12.79 5.65
CA GLN B 121 -13.07 13.96 4.79
C GLN B 121 -12.20 13.79 3.54
N MET B 122 -11.47 12.68 3.46
CA MET B 122 -10.49 12.53 2.40
C MET B 122 -11.18 12.30 1.05
N SER B 123 -10.52 12.75 0.00
CA SER B 123 -11.02 12.60 -1.34
C SER B 123 -10.69 11.22 -1.89
N ASN B 124 -11.31 10.88 -3.01
CA ASN B 124 -10.96 9.61 -3.65
CA ASN B 124 -10.97 9.68 -3.75
C ASN B 124 -9.51 9.69 -4.20
N GLU B 125 -9.07 10.86 -4.65
CA GLU B 125 -7.69 11.06 -5.08
C GLU B 125 -6.73 10.82 -3.91
N ASP B 126 -7.13 11.23 -2.69
CA ASP B 126 -6.30 11.01 -1.51
C ASP B 126 -6.08 9.51 -1.23
N ILE B 127 -7.15 8.73 -1.40
CA ILE B 127 -7.09 7.29 -1.18
C ILE B 127 -6.07 6.65 -2.14
N LYS B 128 -6.12 7.05 -3.40
CA LYS B 128 -5.18 6.52 -4.40
C LYS B 128 -3.75 6.97 -4.09
N ARG B 129 -3.60 8.27 -3.82
CA ARG B 129 -2.28 8.86 -3.60
CA ARG B 129 -2.28 8.87 -3.61
C ARG B 129 -1.50 8.13 -2.53
N ILE B 130 -2.16 7.81 -1.42
CA ILE B 130 -1.48 7.18 -0.30
C ILE B 130 -1.11 5.73 -0.49
N GLY B 131 -1.57 5.13 -1.61
CA GLY B 131 -1.10 3.82 -2.02
C GLY B 131 -2.18 2.77 -2.20
N VAL B 132 -3.46 3.14 -2.16
CA VAL B 132 -4.53 2.17 -2.48
C VAL B 132 -4.69 2.23 -4.00
N ARG B 133 -4.08 1.25 -4.67
CA ARG B 133 -3.94 1.20 -6.11
C ARG B 133 -5.00 0.32 -6.81
N LEU B 134 -5.37 -0.78 -6.18
CA LEU B 134 -6.29 -1.75 -6.78
C LEU B 134 -7.72 -1.20 -6.76
N PRO B 135 -8.41 -1.16 -7.92
CA PRO B 135 -9.76 -0.57 -7.98
C PRO B 135 -10.76 -1.17 -7.00
N GLY B 136 -10.72 -2.48 -6.80
CA GLY B 136 -11.63 -3.13 -5.87
C GLY B 136 -11.42 -2.68 -4.44
N HIS B 137 -10.17 -2.34 -4.10
CA HIS B 137 -9.83 -1.81 -2.78
C HIS B 137 -10.17 -0.34 -2.64
N GLN B 138 -9.91 0.43 -3.68
CA GLN B 138 -10.30 1.84 -3.70
C GLN B 138 -11.81 1.99 -3.47
N LYS B 139 -12.59 1.17 -4.20
CA LYS B 139 -14.05 1.22 -4.12
C LYS B 139 -14.55 0.83 -2.75
N ARG B 140 -13.96 -0.22 -2.18
CA ARG B 140 -14.41 -0.71 -0.89
C ARG B 140 -14.18 0.34 0.20
N ILE B 141 -13.01 0.95 0.14
CA ILE B 141 -12.69 2.01 1.09
C ILE B 141 -13.61 3.21 0.91
N ALA B 142 -13.79 3.67 -0.32
CA ALA B 142 -14.71 4.79 -0.62
C ALA B 142 -16.13 4.54 -0.14
N TYR B 143 -16.69 3.37 -0.48
CA TYR B 143 -18.07 3.07 -0.06
C TYR B 143 -18.20 2.99 1.46
N SER B 144 -17.17 2.47 2.12
CA SER B 144 -17.18 2.38 3.57
C SER B 144 -17.21 3.77 4.21
N LEU B 145 -16.51 4.72 3.60
CA LEU B 145 -16.49 6.08 4.10
C LEU B 145 -17.86 6.80 3.99
N LEU B 146 -18.71 6.43 3.02
CA LEU B 146 -20.06 7.01 2.98
C LEU B 146 -20.78 6.76 4.29
N GLY B 147 -20.76 5.52 4.75
CA GLY B 147 -21.37 5.15 6.04
C GLY B 147 -20.66 5.68 7.27
N LEU B 148 -19.33 5.67 7.26
CA LEU B 148 -18.54 6.11 8.41
C LEU B 148 -18.70 7.61 8.70
N LYS B 149 -18.80 8.41 7.64
CA LYS B 149 -19.00 9.86 7.79
C LYS B 149 -20.36 10.20 8.40
N ASP B 150 -21.40 9.45 8.02
CA ASP B 150 -22.74 9.60 8.61
C ASP B 150 -22.70 9.37 10.13
N GLN B 151 -22.00 8.34 10.57
CA GLN B 151 -21.80 8.06 12.00
C GLN B 151 -20.95 9.14 12.68
#